data_8SB6
#
_entry.id   8SB6
#
_cell.length_a   115.378
_cell.length_b   55.819
_cell.length_c   68.006
_cell.angle_alpha   90.000
_cell.angle_beta   94.414
_cell.angle_gamma   90.000
#
_symmetry.space_group_name_H-M   'C 1 2 1'
#
loop_
_entity.id
_entity.type
_entity.pdbx_description
1 polymer 'Bromodomain containing 2'
2 polymer 'Histone H4'
3 water water
#
loop_
_entity_poly.entity_id
_entity_poly.type
_entity_poly.pdbx_seq_one_letter_code
_entity_poly.pdbx_strand_id
1 'polypeptide(L)'
;SNARVTNQLQYLHKVVMKALWKHQFAWPFRQPVDAVKLGLPDYHKIIKQPMDMGTIKRRLENNYYWAASECMQDFNTMFT
NCYIYNKPTDDIVLMAQTLEKIFLQKVASMPQEEQELVVTIPKN
;
A,B,C
2 'polypeptide(L)' SGRG(7QK)GGKGLG(7QK)GGA D,E
#
# COMPACT_ATOMS: atom_id res chain seq x y z
N THR A 6 -12.27 -11.15 0.54
CA THR A 6 -11.51 -11.22 1.78
C THR A 6 -11.21 -9.81 2.32
N ASN A 7 -10.82 -9.73 3.58
CA ASN A 7 -10.59 -8.43 4.21
C ASN A 7 -9.36 -7.75 3.60
N GLN A 8 -8.33 -8.53 3.26
CA GLN A 8 -7.14 -7.95 2.65
C GLN A 8 -7.48 -7.33 1.30
N LEU A 9 -8.24 -8.05 0.50
CA LEU A 9 -8.63 -7.50 -0.81
C LEU A 9 -9.56 -6.29 -0.67
N GLN A 10 -10.42 -6.26 0.34
CA GLN A 10 -11.20 -5.06 0.62
C GLN A 10 -10.28 -3.86 0.91
N TYR A 11 -9.25 -4.08 1.71
CA TYR A 11 -8.30 -3.04 2.04
C TYR A 11 -7.54 -2.57 0.80
N LEU A 12 -7.08 -3.52 -0.02
CA LEU A 12 -6.39 -3.11 -1.23
C LEU A 12 -7.28 -2.26 -2.14
N HIS A 13 -8.59 -2.50 -2.11
CA HIS A 13 -9.50 -1.75 -2.96
C HIS A 13 -9.85 -0.40 -2.34
N LYS A 14 -10.34 -0.42 -1.09
CA LYS A 14 -10.86 0.78 -0.46
C LYS A 14 -9.77 1.71 0.05
N VAL A 15 -8.56 1.22 0.33
CA VAL A 15 -7.48 2.05 0.89
C VAL A 15 -6.35 2.26 -0.12
N VAL A 16 -5.79 1.16 -0.65
CA VAL A 16 -4.60 1.29 -1.48
C VAL A 16 -4.97 1.83 -2.85
N MET A 17 -5.86 1.15 -3.56
CA MET A 17 -6.23 1.62 -4.89
C MET A 17 -6.86 3.00 -4.83
N LYS A 18 -7.69 3.24 -3.82
CA LYS A 18 -8.31 4.54 -3.67
C LYS A 18 -7.26 5.63 -3.60
N ALA A 19 -6.21 5.43 -2.79
CA ALA A 19 -5.16 6.45 -2.67
C ALA A 19 -4.40 6.62 -3.99
N LEU A 20 -4.07 5.50 -4.65
CA LEU A 20 -3.23 5.61 -5.83
C LEU A 20 -3.99 6.15 -7.04
N TRP A 21 -5.25 5.72 -7.21
CA TRP A 21 -6.00 6.04 -8.41
C TRP A 21 -6.18 7.55 -8.57
N LYS A 22 -6.37 8.27 -7.45
CA LYS A 22 -6.67 9.68 -7.51
C LYS A 22 -5.44 10.55 -7.38
N HIS A 23 -4.27 9.96 -7.18
CA HIS A 23 -3.05 10.76 -7.02
C HIS A 23 -2.76 11.54 -8.30
N GLN A 24 -2.17 12.74 -8.14
CA GLN A 24 -1.85 13.59 -9.28
C GLN A 24 -0.81 13.01 -10.23
N PHE A 25 -0.06 12.03 -9.80
CA PHE A 25 0.90 11.33 -10.65
C PHE A 25 0.35 10.04 -11.23
N ALA A 26 -0.92 9.71 -10.98
CA ALA A 26 -1.43 8.43 -11.43
C ALA A 26 -1.77 8.36 -12.92
N TRP A 27 -2.03 9.49 -13.57
CA TRP A 27 -2.66 9.45 -14.90
C TRP A 27 -1.90 8.60 -15.92
N PRO A 28 -0.56 8.58 -15.97
CA PRO A 28 0.09 7.68 -16.93
C PRO A 28 -0.12 6.19 -16.66
N PHE A 29 -0.62 5.84 -15.48
CA PHE A 29 -0.73 4.46 -15.06
C PHE A 29 -2.18 3.98 -15.06
N ARG A 30 -3.13 4.81 -15.43
CA ARG A 30 -4.54 4.43 -15.28
C ARG A 30 -5.04 3.55 -16.44
N GLN A 31 -4.25 3.36 -17.47
CA GLN A 31 -4.62 2.54 -18.63
C GLN A 31 -3.36 1.87 -19.13
N PRO A 32 -3.50 0.79 -19.90
CA PRO A 32 -2.32 0.16 -20.49
C PRO A 32 -1.47 1.16 -21.25
N VAL A 33 -0.16 0.95 -21.21
CA VAL A 33 0.75 1.66 -22.07
C VAL A 33 0.34 1.42 -23.53
N ASP A 34 0.03 2.50 -24.23
CA ASP A 34 -0.30 2.46 -25.66
C ASP A 34 0.95 2.81 -26.44
N ALA A 35 1.64 1.80 -26.93
CA ALA A 35 2.89 2.00 -27.63
C ALA A 35 2.75 2.82 -28.90
N VAL A 36 1.60 2.74 -29.58
CA VAL A 36 1.40 3.55 -30.78
C VAL A 36 1.21 5.01 -30.40
N LYS A 37 0.25 5.28 -29.50
CA LYS A 37 0.00 6.66 -29.07
C LYS A 37 1.28 7.31 -28.55
N LEU A 38 2.08 6.56 -27.79
CA LEU A 38 3.25 7.15 -27.12
C LEU A 38 4.51 7.03 -27.95
N GLY A 39 4.41 6.42 -29.12
CA GLY A 39 5.56 6.33 -30.02
C GLY A 39 6.69 5.48 -29.41
N LEU A 40 6.36 4.28 -28.93
CA LEU A 40 7.31 3.39 -28.28
C LEU A 40 7.35 2.04 -28.97
N PRO A 41 7.90 1.96 -30.20
CA PRO A 41 7.84 0.70 -30.96
C PRO A 41 8.62 -0.43 -30.33
N ASP A 42 9.48 -0.16 -29.34
CA ASP A 42 10.19 -1.22 -28.62
C ASP A 42 9.51 -1.65 -27.32
N TYR A 43 8.39 -1.00 -26.92
CA TYR A 43 7.84 -1.29 -25.59
C TYR A 43 7.54 -2.78 -25.38
N HIS A 44 6.79 -3.38 -26.31
CA HIS A 44 6.39 -4.77 -26.10
C HIS A 44 7.50 -5.76 -26.39
N LYS A 45 8.60 -5.31 -26.95
CA LYS A 45 9.78 -6.14 -27.07
C LYS A 45 10.52 -6.24 -25.76
N ILE A 46 10.41 -5.21 -24.92
CA ILE A 46 11.13 -5.17 -23.66
C ILE A 46 10.28 -5.63 -22.48
N ILE A 47 9.02 -5.24 -22.49
CA ILE A 47 8.07 -5.47 -21.41
C ILE A 47 7.12 -6.58 -21.88
N LYS A 48 7.21 -7.74 -21.27
CA LYS A 48 6.42 -8.91 -21.70
C LYS A 48 5.15 -9.13 -20.89
N GLN A 49 5.02 -8.49 -19.72
CA GLN A 49 3.82 -8.60 -18.87
C GLN A 49 3.35 -7.21 -18.55
N PRO A 50 2.72 -6.52 -19.48
CA PRO A 50 2.17 -5.17 -19.19
C PRO A 50 1.11 -5.23 -18.09
N MET A 51 1.06 -4.20 -17.30
CA MET A 51 0.13 -4.04 -16.19
C MET A 51 -0.10 -2.56 -15.96
N ASP A 52 -1.29 -2.25 -15.45
CA ASP A 52 -1.70 -0.87 -15.23
C ASP A 52 -2.79 -0.86 -14.16
N MET A 53 -3.04 0.33 -13.60
CA MET A 53 -4.00 0.46 -12.47
C MET A 53 -5.43 0.22 -12.92
N GLY A 54 -5.75 0.58 -14.16
CA GLY A 54 -7.11 0.31 -14.65
C GLY A 54 -7.42 -1.18 -14.63
N THR A 55 -6.47 -1.99 -15.10
CA THR A 55 -6.63 -3.43 -15.06
C THR A 55 -6.75 -3.94 -13.63
N ILE A 56 -5.88 -3.46 -12.73
CA ILE A 56 -5.93 -3.88 -11.34
C ILE A 56 -7.27 -3.49 -10.72
N LYS A 57 -7.73 -2.28 -11.02
CA LYS A 57 -8.98 -1.81 -10.44
C LYS A 57 -10.15 -2.66 -10.92
N ARG A 58 -10.16 -2.97 -12.21
CA ARG A 58 -11.20 -3.85 -12.73
C ARG A 58 -11.17 -5.21 -12.05
N ARG A 59 -9.96 -5.77 -11.87
CA ARG A 59 -9.85 -7.08 -11.21
C ARG A 59 -10.36 -7.04 -9.77
N LEU A 60 -10.06 -5.97 -9.04
CA LEU A 60 -10.64 -5.86 -7.70
C LEU A 60 -12.16 -5.71 -7.75
N GLU A 61 -12.67 -4.90 -8.67
CA GLU A 61 -14.12 -4.73 -8.78
C GLU A 61 -14.82 -6.04 -9.14
N ASN A 62 -14.17 -6.90 -9.91
CA ASN A 62 -14.79 -8.12 -10.43
C ASN A 62 -14.40 -9.37 -9.66
N ASN A 63 -13.80 -9.24 -8.49
CA ASN A 63 -13.40 -10.40 -7.67
C ASN A 63 -12.60 -11.41 -8.49
N TYR A 64 -11.58 -10.92 -9.18
CA TYR A 64 -10.66 -11.74 -9.96
C TYR A 64 -9.58 -12.38 -9.10
N TYR A 65 -9.14 -11.70 -8.03
CA TYR A 65 -7.99 -12.18 -7.28
C TYR A 65 -8.39 -13.23 -6.24
N TRP A 66 -7.56 -14.27 -6.10
CA TRP A 66 -7.72 -15.30 -5.09
C TRP A 66 -6.97 -14.99 -3.80
N ALA A 67 -5.99 -14.09 -3.84
CA ALA A 67 -5.20 -13.74 -2.67
C ALA A 67 -4.73 -12.31 -2.80
N ALA A 68 -4.54 -11.65 -1.64
CA ALA A 68 -3.99 -10.30 -1.62
C ALA A 68 -2.64 -10.21 -2.33
N SER A 69 -1.77 -11.20 -2.10
CA SER A 69 -0.45 -11.11 -2.69
C SER A 69 -0.52 -11.12 -4.21
N GLU A 70 -1.56 -11.73 -4.79
CA GLU A 70 -1.71 -11.72 -6.23
C GLU A 70 -1.94 -10.31 -6.80
N CYS A 71 -2.78 -9.52 -6.11
CA CYS A 71 -2.99 -8.12 -6.43
C CYS A 71 -1.74 -7.30 -6.18
N MET A 72 -1.08 -7.54 -5.04
CA MET A 72 0.17 -6.83 -4.76
C MET A 72 1.21 -7.09 -5.85
N GLN A 73 1.28 -8.35 -6.33
CA GLN A 73 2.23 -8.64 -7.41
C GLN A 73 1.93 -7.83 -8.66
N ASP A 74 0.64 -7.60 -8.97
CA ASP A 74 0.27 -6.83 -10.15
C ASP A 74 0.71 -5.38 -9.99
N PHE A 75 0.50 -4.76 -8.79
CA PHE A 75 1.08 -3.43 -8.56
C PHE A 75 2.58 -3.45 -8.79
N ASN A 76 3.26 -4.45 -8.21
CA ASN A 76 4.72 -4.51 -8.37
C ASN A 76 5.14 -4.61 -9.83
N THR A 77 4.49 -5.48 -10.60
CA THR A 77 4.81 -5.60 -12.03
C THR A 77 4.61 -4.25 -12.75
N MET A 78 3.55 -3.55 -12.42
CA MET A 78 3.33 -2.24 -13.08
C MET A 78 4.49 -1.29 -12.83
N PHE A 79 4.93 -1.19 -11.59
CA PHE A 79 6.03 -0.26 -11.27
C PHE A 79 7.36 -0.78 -11.83
N THR A 80 7.59 -2.09 -11.71
CA THR A 80 8.83 -2.65 -12.22
C THR A 80 8.94 -2.48 -13.73
N ASN A 81 7.86 -2.71 -14.46
CA ASN A 81 7.91 -2.45 -15.91
C ASN A 81 8.41 -1.04 -16.22
N CYS A 82 7.90 -0.05 -15.46
CA CYS A 82 8.26 1.32 -15.69
C CYS A 82 9.76 1.54 -15.46
N TYR A 83 10.32 0.97 -14.39
CA TYR A 83 11.73 1.18 -14.11
C TYR A 83 12.62 0.48 -15.10
N ILE A 84 12.17 -0.69 -15.62
CA ILE A 84 13.00 -1.45 -16.56
C ILE A 84 13.01 -0.80 -17.94
N TYR A 85 11.84 -0.36 -18.39
CA TYR A 85 11.74 0.16 -19.75
C TYR A 85 12.30 1.57 -19.91
N ASN A 86 11.99 2.47 -18.97
CA ASN A 86 12.31 3.87 -19.17
C ASN A 86 13.74 4.17 -18.77
N LYS A 87 14.21 5.32 -19.27
CA LYS A 87 15.53 5.82 -18.88
C LYS A 87 15.50 6.30 -17.44
N PRO A 88 16.65 6.18 -16.72
CA PRO A 88 16.70 6.62 -15.32
C PRO A 88 16.24 8.02 -15.09
N THR A 89 16.55 8.90 -16.05
CA THR A 89 16.24 10.33 -15.98
C THR A 89 14.80 10.69 -16.42
N ASP A 90 14.01 9.72 -16.84
CA ASP A 90 12.67 10.03 -17.35
C ASP A 90 11.79 10.44 -16.17
N ASP A 91 10.98 11.48 -16.34
CA ASP A 91 10.10 11.90 -15.27
C ASP A 91 9.16 10.78 -14.80
N ILE A 92 8.76 9.87 -15.70
CA ILE A 92 7.82 8.85 -15.30
C ILE A 92 8.39 7.97 -14.20
N VAL A 93 9.69 7.85 -14.15
CA VAL A 93 10.36 7.06 -13.12
C VAL A 93 10.12 7.67 -11.75
N LEU A 94 10.22 8.99 -11.65
N LEU A 94 10.24 8.98 -11.67
CA LEU A 94 9.96 9.69 -10.40
CA LEU A 94 9.95 9.67 -10.44
C LEU A 94 8.49 9.59 -10.01
C LEU A 94 8.50 9.51 -10.03
N MET A 95 7.57 9.67 -10.99
CA MET A 95 6.16 9.45 -10.68
C MET A 95 5.90 8.06 -10.12
N ALA A 96 6.43 7.02 -10.81
CA ALA A 96 6.30 5.66 -10.31
C ALA A 96 6.88 5.49 -8.90
N GLN A 97 8.07 5.98 -8.67
CA GLN A 97 8.63 5.89 -7.31
C GLN A 97 7.70 6.53 -6.27
N THR A 98 7.10 7.70 -6.60
CA THR A 98 6.21 8.35 -5.63
C THR A 98 5.00 7.48 -5.31
N LEU A 99 4.38 6.91 -6.32
CA LEU A 99 3.23 6.04 -6.12
C LEU A 99 3.60 4.72 -5.42
N GLU A 100 4.75 4.18 -5.73
CA GLU A 100 5.17 2.93 -5.10
C GLU A 100 5.41 3.12 -3.61
N LYS A 101 5.99 4.26 -3.22
CA LYS A 101 6.16 4.58 -1.78
C LYS A 101 4.83 4.61 -1.04
N ILE A 102 3.79 5.19 -1.66
CA ILE A 102 2.47 5.18 -1.05
C ILE A 102 1.93 3.75 -0.96
N PHE A 103 2.03 3.01 -2.04
CA PHE A 103 1.63 1.59 -2.04
C PHE A 103 2.25 0.85 -0.87
N LEU A 104 3.55 1.01 -0.68
CA LEU A 104 4.21 0.25 0.39
C LEU A 104 3.78 0.74 1.78
N GLN A 105 3.63 2.05 1.95
CA GLN A 105 3.20 2.55 3.24
C GLN A 105 1.84 1.99 3.57
N LYS A 106 0.93 1.93 2.60
CA LYS A 106 -0.42 1.43 2.92
C LYS A 106 -0.40 -0.09 3.12
N VAL A 107 0.42 -0.79 2.34
CA VAL A 107 0.47 -2.23 2.48
C VAL A 107 1.04 -2.63 3.82
N ALA A 108 1.85 -1.76 4.43
CA ALA A 108 2.43 -2.08 5.74
C ALA A 108 1.37 -2.19 6.84
N SER A 109 0.16 -1.68 6.58
CA SER A 109 -0.92 -1.72 7.57
C SER A 109 -2.12 -2.52 7.09
N MET A 110 -1.93 -3.37 6.08
CA MET A 110 -2.99 -4.25 5.59
C MET A 110 -3.28 -5.37 6.61
N PRO A 111 -4.54 -5.78 6.74
CA PRO A 111 -4.86 -6.97 7.59
C PRO A 111 -4.06 -8.21 7.21
N GLN A 112 -4.02 -9.20 8.12
CA GLN A 112 -3.12 -10.35 7.91
C GLN A 112 -3.78 -11.58 7.28
N GLU A 113 -5.07 -11.79 7.49
CA GLU A 113 -5.69 -13.07 7.10
C GLU A 113 -5.55 -13.32 5.60
N THR B 6 9.58 -3.49 17.48
CA THR B 6 8.18 -3.82 17.26
C THR B 6 8.03 -5.24 16.71
N ASN B 7 6.81 -5.77 16.79
CA ASN B 7 6.55 -7.11 16.27
C ASN B 7 6.79 -7.17 14.75
N GLN B 8 6.45 -6.08 14.04
CA GLN B 8 6.61 -6.08 12.60
C GLN B 8 8.07 -6.06 12.20
N LEU B 9 8.89 -5.28 12.90
CA LEU B 9 10.31 -5.22 12.56
C LEU B 9 10.99 -6.56 12.85
N GLN B 10 10.58 -7.23 13.94
CA GLN B 10 11.11 -8.56 14.23
C GLN B 10 10.73 -9.54 13.11
N TYR B 11 9.48 -9.45 12.65
CA TYR B 11 9.08 -10.27 11.51
C TYR B 11 9.92 -9.95 10.27
N LEU B 12 10.12 -8.67 10.00
CA LEU B 12 10.89 -8.32 8.81
C LEU B 12 12.31 -8.83 8.93
N HIS B 13 12.85 -8.88 10.15
CA HIS B 13 14.20 -9.32 10.39
C HIS B 13 14.29 -10.84 10.34
N LYS B 14 13.47 -11.52 11.12
CA LYS B 14 13.62 -12.95 11.36
C LYS B 14 12.91 -13.85 10.36
N VAL B 15 11.94 -13.33 9.63
CA VAL B 15 11.17 -14.09 8.67
C VAL B 15 11.50 -13.64 7.24
N VAL B 16 11.34 -12.35 6.96
CA VAL B 16 11.49 -11.88 5.59
C VAL B 16 12.97 -11.82 5.20
N MET B 17 13.77 -11.09 5.97
CA MET B 17 15.18 -10.96 5.62
C MET B 17 15.85 -12.30 5.65
N LYS B 18 15.55 -13.10 6.69
CA LYS B 18 16.00 -14.49 6.81
C LYS B 18 15.82 -15.24 5.49
N ALA B 19 14.60 -15.27 4.99
CA ALA B 19 14.31 -16.02 3.77
C ALA B 19 15.02 -15.42 2.55
N LEU B 20 15.03 -14.10 2.43
CA LEU B 20 15.65 -13.50 1.26
C LEU B 20 17.16 -13.68 1.30
N TRP B 21 17.77 -13.49 2.47
CA TRP B 21 19.23 -13.50 2.56
C TRP B 21 19.79 -14.84 2.10
N LYS B 22 19.14 -15.94 2.48
CA LYS B 22 19.66 -17.28 2.18
C LYS B 22 19.33 -17.76 0.77
N HIS B 23 18.54 -16.99 0.05
CA HIS B 23 18.13 -17.41 -1.31
C HIS B 23 19.31 -17.52 -2.26
N GLN B 24 19.21 -18.47 -3.22
CA GLN B 24 20.33 -18.68 -4.12
C GLN B 24 20.60 -17.49 -5.03
N PHE B 25 19.64 -16.58 -5.19
CA PHE B 25 19.86 -15.40 -6.01
C PHE B 25 20.28 -14.15 -5.21
N ALA B 26 20.40 -14.28 -3.91
CA ALA B 26 20.62 -13.14 -3.01
C ALA B 26 22.07 -12.65 -2.98
N TRP B 27 23.06 -13.45 -3.37
CA TRP B 27 24.44 -13.08 -3.11
C TRP B 27 24.81 -11.71 -3.66
N PRO B 28 24.31 -11.24 -4.79
CA PRO B 28 24.72 -9.89 -5.24
C PRO B 28 24.15 -8.78 -4.40
N PHE B 29 23.20 -9.08 -3.56
CA PHE B 29 22.48 -8.06 -2.81
C PHE B 29 22.87 -8.00 -1.34
N ARG B 30 23.75 -8.87 -0.88
CA ARG B 30 24.10 -8.95 0.54
C ARG B 30 25.07 -7.86 1.01
N GLN B 31 25.64 -7.09 0.08
CA GLN B 31 26.54 -6.02 0.44
C GLN B 31 26.31 -4.89 -0.56
N PRO B 32 26.82 -3.70 -0.27
CA PRO B 32 26.69 -2.60 -1.23
C PRO B 32 27.33 -2.96 -2.56
N VAL B 33 26.79 -2.40 -3.63
CA VAL B 33 27.39 -2.50 -4.94
C VAL B 33 28.77 -1.90 -4.88
N ASP B 34 29.78 -2.66 -5.25
CA ASP B 34 31.17 -2.19 -5.27
C ASP B 34 31.48 -1.80 -6.71
N ALA B 35 31.33 -0.51 -7.01
CA ALA B 35 31.44 -0.05 -8.40
C ALA B 35 32.84 -0.27 -8.96
N VAL B 36 33.86 -0.17 -8.11
CA VAL B 36 35.23 -0.38 -8.58
C VAL B 36 35.46 -1.86 -8.86
N LYS B 37 35.06 -2.74 -7.94
CA LYS B 37 35.31 -4.15 -8.12
C LYS B 37 34.54 -4.70 -9.31
N LEU B 38 33.29 -4.30 -9.49
CA LEU B 38 32.49 -4.79 -10.60
C LEU B 38 32.67 -4.01 -11.88
N GLY B 39 33.56 -3.04 -11.91
CA GLY B 39 33.82 -2.29 -13.13
C GLY B 39 32.63 -1.50 -13.63
N LEU B 40 32.00 -0.74 -12.73
CA LEU B 40 30.79 0.03 -13.06
C LEU B 40 31.01 1.49 -12.69
N PRO B 41 31.84 2.21 -13.46
CA PRO B 41 32.18 3.59 -13.07
C PRO B 41 31.03 4.57 -13.22
N ASP B 42 29.93 4.18 -13.87
CA ASP B 42 28.76 5.04 -13.96
C ASP B 42 27.75 4.77 -12.85
N TYR B 43 27.98 3.77 -12.01
CA TYR B 43 26.94 3.33 -11.08
C TYR B 43 26.45 4.47 -10.19
N HIS B 44 27.40 5.16 -9.54
CA HIS B 44 27.01 6.19 -8.58
C HIS B 44 26.62 7.50 -9.24
N LYS B 45 26.79 7.60 -10.56
CA LYS B 45 26.27 8.76 -11.29
C LYS B 45 24.80 8.57 -11.62
N ILE B 46 24.35 7.33 -11.67
CA ILE B 46 22.95 7.02 -11.94
C ILE B 46 22.16 6.73 -10.67
N ILE B 47 22.74 5.98 -9.77
CA ILE B 47 22.08 5.56 -8.55
C ILE B 47 22.58 6.44 -7.44
N LYS B 48 21.71 7.29 -6.90
CA LYS B 48 22.07 8.28 -5.91
C LYS B 48 21.73 7.88 -4.49
N GLN B 49 20.95 6.81 -4.30
CA GLN B 49 20.60 6.26 -2.99
C GLN B 49 20.87 4.76 -3.02
N PRO B 50 22.12 4.37 -2.93
CA PRO B 50 22.44 2.93 -2.89
C PRO B 50 21.82 2.26 -1.66
N MET B 51 21.38 1.00 -1.84
CA MET B 51 20.80 0.24 -0.74
C MET B 51 21.09 -1.25 -0.98
N ASP B 52 21.20 -2.00 0.10
CA ASP B 52 21.51 -3.43 0.03
C ASP B 52 21.03 -4.14 1.29
N MET B 53 20.91 -5.49 1.22
CA MET B 53 20.37 -6.20 2.38
C MET B 53 21.30 -6.15 3.60
N GLY B 54 22.62 -6.06 3.39
CA GLY B 54 23.52 -5.96 4.54
C GLY B 54 23.26 -4.69 5.33
N THR B 55 23.05 -3.57 4.62
CA THR B 55 22.68 -2.32 5.27
C THR B 55 21.36 -2.45 6.01
N ILE B 56 20.35 -2.99 5.33
CA ILE B 56 19.03 -3.15 5.95
C ILE B 56 19.10 -4.04 7.19
N LYS B 57 19.88 -5.12 7.08
CA LYS B 57 20.00 -6.05 8.20
C LYS B 57 20.68 -5.39 9.39
N ARG B 58 21.74 -4.64 9.13
CA ARG B 58 22.40 -3.90 10.22
C ARG B 58 21.46 -2.88 10.84
N ARG B 59 20.65 -2.23 10.04
CA ARG B 59 19.69 -1.25 10.55
C ARG B 59 18.64 -1.93 11.42
N LEU B 60 18.17 -3.11 11.01
CA LEU B 60 17.23 -3.86 11.84
C LEU B 60 17.86 -4.22 13.20
N GLU B 61 19.14 -4.59 13.21
CA GLU B 61 19.80 -5.06 14.41
C GLU B 61 20.19 -3.92 15.33
N ASN B 62 20.31 -2.70 14.82
CA ASN B 62 20.67 -1.55 15.65
C ASN B 62 19.49 -0.64 15.92
N ASN B 63 18.26 -1.12 15.69
CA ASN B 63 17.07 -0.37 16.07
C ASN B 63 17.00 0.99 15.37
N TYR B 64 17.46 1.01 14.12
CA TYR B 64 17.43 2.24 13.33
C TYR B 64 16.01 2.56 12.92
N TYR B 65 15.20 1.54 12.58
CA TYR B 65 13.88 1.81 12.03
C TYR B 65 12.88 2.13 13.13
N TRP B 66 11.99 3.06 12.84
CA TRP B 66 10.91 3.43 13.73
C TRP B 66 9.59 2.78 13.35
N ALA B 67 9.48 2.25 12.13
CA ALA B 67 8.25 1.65 11.66
C ALA B 67 8.57 0.63 10.56
N ALA B 68 7.72 -0.38 10.43
CA ALA B 68 7.90 -1.37 9.39
C ALA B 68 8.00 -0.74 7.99
N SER B 69 7.13 0.23 7.69
CA SER B 69 7.15 0.80 6.35
C SER B 69 8.52 1.35 5.99
N GLU B 70 9.24 1.87 6.99
CA GLU B 70 10.53 2.51 6.69
C GLU B 70 11.55 1.46 6.25
N CYS B 71 11.49 0.27 6.84
CA CYS B 71 12.31 -0.84 6.39
C CYS B 71 11.84 -1.37 5.02
N MET B 72 10.55 -1.51 4.84
CA MET B 72 10.03 -1.91 3.53
C MET B 72 10.46 -0.95 2.41
N GLN B 73 10.56 0.34 2.71
CA GLN B 73 10.98 1.33 1.71
C GLN B 73 12.43 1.12 1.33
N ASP B 74 13.30 0.72 2.28
CA ASP B 74 14.68 0.43 1.91
C ASP B 74 14.78 -0.81 1.02
N PHE B 75 14.02 -1.90 1.33
CA PHE B 75 13.95 -3.04 0.41
C PHE B 75 13.58 -2.56 -1.00
N ASN B 76 12.54 -1.73 -1.11
CA ASN B 76 12.08 -1.25 -2.41
C ASN B 76 13.19 -0.46 -3.12
N THR B 77 13.89 0.40 -2.38
CA THR B 77 14.97 1.15 -2.99
C THR B 77 16.03 0.23 -3.54
N MET B 78 16.36 -0.82 -2.79
CA MET B 78 17.33 -1.78 -3.31
C MET B 78 16.91 -2.39 -4.63
N PHE B 79 15.68 -2.88 -4.68
CA PHE B 79 15.22 -3.50 -5.93
C PHE B 79 15.11 -2.46 -7.06
N THR B 80 14.54 -1.29 -6.76
CA THR B 80 14.33 -0.26 -7.79
C THR B 80 15.67 0.17 -8.38
N ASN B 81 16.68 0.36 -7.54
CA ASN B 81 17.99 0.72 -8.08
C ASN B 81 18.44 -0.30 -9.11
N CYS B 82 18.27 -1.59 -8.79
CA CYS B 82 18.71 -2.63 -9.72
C CYS B 82 17.99 -2.49 -11.06
N TYR B 83 16.70 -2.21 -11.04
CA TYR B 83 15.95 -2.13 -12.30
C TYR B 83 16.32 -0.88 -13.08
N ILE B 84 16.58 0.22 -12.40
CA ILE B 84 16.90 1.48 -13.06
C ILE B 84 18.28 1.41 -13.68
N TYR B 85 19.27 0.89 -12.96
CA TYR B 85 20.64 0.93 -13.45
C TYR B 85 20.90 -0.09 -14.56
N ASN B 86 20.50 -1.37 -14.35
CA ASN B 86 20.93 -2.43 -15.24
C ASN B 86 20.13 -2.47 -16.52
N LYS B 87 20.68 -3.17 -17.51
CA LYS B 87 19.92 -3.39 -18.76
C LYS B 87 18.77 -4.36 -18.50
N PRO B 88 17.67 -4.25 -19.25
CA PRO B 88 16.54 -5.18 -19.05
C PRO B 88 16.92 -6.61 -19.15
N THR B 89 17.91 -6.91 -20.01
CA THR B 89 18.32 -8.29 -20.29
C THR B 89 19.37 -8.82 -19.32
N ASP B 90 19.90 -8.00 -18.42
CA ASP B 90 20.86 -8.53 -17.43
C ASP B 90 20.24 -9.56 -16.49
N ASP B 91 21.01 -10.63 -16.17
CA ASP B 91 20.52 -11.64 -15.26
C ASP B 91 20.15 -11.08 -13.89
N ILE B 92 20.83 -10.03 -13.44
CA ILE B 92 20.56 -9.46 -12.13
C ILE B 92 19.13 -8.98 -12.03
N VAL B 93 18.54 -8.50 -13.15
CA VAL B 93 17.17 -8.06 -13.09
C VAL B 93 16.23 -9.20 -12.76
N LEU B 94 16.45 -10.35 -13.36
CA LEU B 94 15.60 -11.51 -13.05
C LEU B 94 15.81 -11.97 -11.62
N MET B 95 17.04 -11.90 -11.12
CA MET B 95 17.29 -12.22 -9.72
C MET B 95 16.58 -11.25 -8.77
N ALA B 96 16.64 -9.94 -9.05
CA ALA B 96 15.89 -8.98 -8.24
C ALA B 96 14.38 -9.22 -8.28
N GLN B 97 13.83 -9.50 -9.44
CA GLN B 97 12.40 -9.78 -9.54
C GLN B 97 11.99 -10.99 -8.71
N THR B 98 12.80 -12.05 -8.76
CA THR B 98 12.45 -13.24 -8.01
C THR B 98 12.43 -12.93 -6.51
N LEU B 99 13.43 -12.21 -6.03
CA LEU B 99 13.51 -11.88 -4.62
C LEU B 99 12.41 -10.90 -4.21
N GLU B 100 12.10 -9.93 -5.07
CA GLU B 100 11.05 -8.97 -4.77
C GLU B 100 9.67 -9.65 -4.64
N LYS B 101 9.41 -10.66 -5.46
CA LYS B 101 8.14 -11.37 -5.31
C LYS B 101 8.03 -12.07 -3.97
N ILE B 102 9.13 -12.68 -3.49
CA ILE B 102 9.12 -13.33 -2.17
C ILE B 102 8.88 -12.28 -1.09
N PHE B 103 9.58 -11.15 -1.20
CA PHE B 103 9.41 -10.06 -0.26
C PHE B 103 7.94 -9.68 -0.12
N LEU B 104 7.24 -9.51 -1.26
CA LEU B 104 5.85 -9.06 -1.20
C LEU B 104 4.94 -10.15 -0.68
N GLN B 105 5.21 -11.41 -1.04
CA GLN B 105 4.47 -12.53 -0.47
C GLN B 105 4.59 -12.53 1.05
N LYS B 106 5.81 -12.34 1.55
CA LYS B 106 6.01 -12.38 3.01
C LYS B 106 5.43 -11.14 3.68
N VAL B 107 5.47 -9.98 3.02
CA VAL B 107 4.86 -8.78 3.57
C VAL B 107 3.36 -8.95 3.73
N ALA B 108 2.74 -9.73 2.84
CA ALA B 108 1.31 -9.93 2.91
C ALA B 108 0.90 -10.65 4.19
N SER B 109 1.82 -11.39 4.79
CA SER B 109 1.57 -12.14 6.02
C SER B 109 2.14 -11.47 7.26
N MET B 110 2.58 -10.22 7.14
CA MET B 110 3.11 -9.50 8.28
C MET B 110 2.05 -9.33 9.36
N PRO B 111 2.37 -9.66 10.63
CA PRO B 111 1.44 -9.41 11.75
C PRO B 111 0.92 -7.98 11.78
N GLN B 112 -0.36 -7.85 12.11
CA GLN B 112 -1.08 -6.58 12.08
C GLN B 112 -1.20 -6.04 10.66
N THR C 6 -22.95 24.60 17.91
CA THR C 6 -22.57 24.76 19.31
C THR C 6 -21.11 24.39 19.54
N ASN C 7 -20.58 24.76 20.71
CA ASN C 7 -19.21 24.39 21.05
C ASN C 7 -19.03 22.87 21.09
N GLN C 8 -20.05 22.14 21.54
CA GLN C 8 -19.93 20.69 21.61
C GLN C 8 -19.85 20.09 20.21
N LEU C 9 -20.74 20.53 19.31
CA LEU C 9 -20.74 19.99 17.95
C LEU C 9 -19.44 20.35 17.23
N GLN C 10 -18.90 21.55 17.50
CA GLN C 10 -17.62 21.91 16.92
C GLN C 10 -16.51 21.02 17.44
N TYR C 11 -16.57 20.68 18.73
CA TYR C 11 -15.60 19.75 19.30
C TYR C 11 -15.73 18.35 18.65
N LEU C 12 -16.97 17.86 18.53
CA LEU C 12 -17.17 16.57 17.89
C LEU C 12 -16.63 16.56 16.46
N HIS C 13 -16.72 17.69 15.76
CA HIS C 13 -16.25 17.77 14.38
C HIS C 13 -14.74 17.92 14.32
N LYS C 14 -14.19 18.92 15.05
CA LYS C 14 -12.80 19.29 14.86
C LYS C 14 -11.84 18.49 15.71
N VAL C 15 -12.33 17.79 16.71
CA VAL C 15 -11.47 16.96 17.57
C VAL C 15 -11.82 15.47 17.40
N VAL C 16 -13.09 15.10 17.62
CA VAL C 16 -13.43 13.69 17.67
C VAL C 16 -13.39 13.09 16.27
N MET C 17 -14.21 13.62 15.35
CA MET C 17 -14.19 13.08 13.98
C MET C 17 -12.81 13.21 13.34
N LYS C 18 -12.10 14.30 13.65
CA LYS C 18 -10.77 14.46 13.10
C LYS C 18 -9.89 13.27 13.42
N ALA C 19 -9.93 12.83 14.69
CA ALA C 19 -9.07 11.74 15.13
C ALA C 19 -9.56 10.39 14.62
N LEU C 20 -10.87 10.12 14.69
CA LEU C 20 -11.38 8.84 14.21
C LEU C 20 -11.25 8.69 12.71
N TRP C 21 -11.48 9.76 11.95
CA TRP C 21 -11.49 9.66 10.51
C TRP C 21 -10.13 9.21 9.97
N LYS C 22 -9.03 9.72 10.53
CA LYS C 22 -7.71 9.41 10.02
C LYS C 22 -7.12 8.19 10.70
N HIS C 23 -7.79 7.62 11.69
CA HIS C 23 -7.26 6.44 12.36
C HIS C 23 -7.12 5.29 11.36
N GLN C 24 -6.11 4.45 11.58
CA GLN C 24 -5.82 3.39 10.63
C GLN C 24 -6.95 2.37 10.54
N PHE C 25 -7.75 2.23 11.60
CA PHE C 25 -8.87 1.29 11.60
C PHE C 25 -10.17 1.89 11.07
N ALA C 26 -10.16 3.14 10.60
CA ALA C 26 -11.41 3.75 10.16
C ALA C 26 -11.92 3.21 8.83
N TRP C 27 -11.04 2.63 8.01
CA TRP C 27 -11.40 2.42 6.60
C TRP C 27 -12.68 1.63 6.40
N PRO C 28 -13.03 0.61 7.19
CA PRO C 28 -14.32 -0.07 6.96
C PRO C 28 -15.52 0.74 7.34
N PHE C 29 -15.33 1.87 8.04
CA PHE C 29 -16.45 2.67 8.53
C PHE C 29 -16.63 3.99 7.79
N ARG C 30 -15.79 4.30 6.79
CA ARG C 30 -15.83 5.62 6.19
C ARG C 30 -16.92 5.79 5.17
N GLN C 31 -17.66 4.72 4.83
CA GLN C 31 -18.73 4.77 3.84
C GLN C 31 -19.80 3.77 4.28
N PRO C 32 -21.01 3.92 3.78
CA PRO C 32 -22.06 2.96 4.17
C PRO C 32 -21.71 1.54 3.79
N VAL C 33 -22.14 0.60 4.63
CA VAL C 33 -22.00 -0.81 4.28
C VAL C 33 -22.77 -1.06 2.98
N ASP C 34 -22.07 -1.53 1.96
CA ASP C 34 -22.71 -1.90 0.70
C ASP C 34 -22.94 -3.42 0.71
N ALA C 35 -24.16 -3.82 1.08
CA ALA C 35 -24.45 -5.24 1.26
C ALA C 35 -24.27 -6.03 -0.02
N VAL C 36 -24.48 -5.40 -1.17
CA VAL C 36 -24.32 -6.10 -2.44
C VAL C 36 -22.85 -6.33 -2.74
N LYS C 37 -22.05 -5.26 -2.76
CA LYS C 37 -20.63 -5.42 -3.08
C LYS C 37 -19.94 -6.35 -2.09
N LEU C 38 -20.26 -6.22 -0.81
CA LEU C 38 -19.66 -7.06 0.23
C LEU C 38 -20.30 -8.44 0.32
N GLY C 39 -21.35 -8.71 -0.47
CA GLY C 39 -22.02 -9.99 -0.41
C GLY C 39 -22.58 -10.34 0.95
N LEU C 40 -23.38 -9.45 1.52
CA LEU C 40 -24.05 -9.67 2.80
C LEU C 40 -25.55 -9.54 2.59
N PRO C 41 -26.18 -10.54 1.96
CA PRO C 41 -27.63 -10.45 1.68
C PRO C 41 -28.48 -10.22 2.92
N ASP C 42 -28.06 -10.71 4.10
CA ASP C 42 -28.86 -10.54 5.28
C ASP C 42 -28.57 -9.24 6.07
N TYR C 43 -27.64 -8.41 5.62
CA TYR C 43 -27.24 -7.25 6.40
C TYR C 43 -28.44 -6.38 6.77
N HIS C 44 -29.25 -6.00 5.77
CA HIS C 44 -30.36 -5.10 6.07
C HIS C 44 -31.55 -5.82 6.64
N LYS C 45 -31.51 -7.15 6.70
CA LYS C 45 -32.51 -7.87 7.49
C LYS C 45 -32.19 -7.79 8.98
N ILE C 46 -30.91 -7.71 9.32
CA ILE C 46 -30.50 -7.73 10.73
C ILE C 46 -30.31 -6.32 11.28
N ILE C 47 -29.66 -5.49 10.47
CA ILE C 47 -29.36 -4.11 10.86
C ILE C 47 -30.44 -3.21 10.29
N LYS C 48 -31.22 -2.57 11.16
CA LYS C 48 -32.36 -1.79 10.72
C LYS C 48 -32.04 -0.32 10.57
N GLN C 49 -30.94 0.17 11.14
CA GLN C 49 -30.54 1.59 11.02
C GLN C 49 -29.05 1.66 10.71
N PRO C 50 -28.68 1.57 9.44
CA PRO C 50 -27.26 1.70 9.08
C PRO C 50 -26.73 3.08 9.40
N MET C 51 -25.43 3.13 9.70
CA MET C 51 -24.72 4.36 10.00
C MET C 51 -23.26 4.17 9.64
N ASP C 52 -22.61 5.27 9.28
CA ASP C 52 -21.20 5.22 8.94
C ASP C 52 -20.59 6.58 9.23
N MET C 53 -19.25 6.61 9.28
CA MET C 53 -18.54 7.84 9.58
C MET C 53 -18.63 8.86 8.46
N GLY C 54 -18.75 8.41 7.20
CA GLY C 54 -18.94 9.33 6.09
C GLY C 54 -20.21 10.12 6.23
N THR C 55 -21.31 9.46 6.62
CA THR C 55 -22.55 10.16 6.87
C THR C 55 -22.43 11.13 8.02
N ILE C 56 -21.82 10.69 9.12
CA ILE C 56 -21.67 11.55 10.30
C ILE C 56 -20.84 12.77 9.97
N LYS C 57 -19.74 12.56 9.23
CA LYS C 57 -18.88 13.67 8.84
C LYS C 57 -19.62 14.67 7.97
N ARG C 58 -20.42 14.18 6.99
CA ARG C 58 -21.21 15.10 6.15
C ARG C 58 -22.24 15.85 7.00
N ARG C 59 -22.83 15.18 7.99
CA ARG C 59 -23.80 15.85 8.86
C ARG C 59 -23.14 16.91 9.70
N LEU C 60 -21.92 16.66 10.16
CA LEU C 60 -21.23 17.68 10.93
C LEU C 60 -20.86 18.86 10.04
N GLU C 61 -20.41 18.56 8.81
CA GLU C 61 -20.02 19.64 7.90
C GLU C 61 -21.20 20.53 7.53
N ASN C 62 -22.41 19.97 7.44
CA ASN C 62 -23.57 20.69 6.94
C ASN C 62 -24.51 21.16 8.01
N ASN C 63 -24.11 21.11 9.28
CA ASN C 63 -24.90 21.67 10.39
C ASN C 63 -26.20 20.92 10.58
N TYR C 64 -26.21 19.62 10.26
CA TYR C 64 -27.42 18.81 10.40
C TYR C 64 -27.85 18.68 11.85
N TYR C 65 -26.90 18.47 12.75
CA TYR C 65 -27.25 18.12 14.13
C TYR C 65 -27.65 19.34 14.95
N TRP C 66 -28.59 19.15 15.89
CA TRP C 66 -28.97 20.16 16.88
C TRP C 66 -28.24 20.02 18.22
N ALA C 67 -27.98 18.78 18.66
CA ALA C 67 -27.30 18.56 19.92
C ALA C 67 -26.17 17.58 19.69
N ALA C 68 -25.12 17.73 20.50
CA ALA C 68 -24.04 16.74 20.50
C ALA C 68 -24.61 15.34 20.64
N SER C 69 -25.64 15.17 21.48
CA SER C 69 -26.17 13.84 21.78
C SER C 69 -26.54 13.11 20.50
N GLU C 70 -27.11 13.83 19.53
CA GLU C 70 -27.55 13.20 18.28
C GLU C 70 -26.38 12.58 17.54
N CYS C 71 -25.26 13.30 17.49
CA CYS C 71 -24.06 12.82 16.80
C CYS C 71 -23.45 11.66 17.58
N MET C 72 -23.43 11.77 18.92
CA MET C 72 -22.96 10.67 19.75
C MET C 72 -23.80 9.42 19.50
N GLN C 73 -25.11 9.58 19.32
CA GLN C 73 -25.95 8.40 19.09
C GLN C 73 -25.64 7.78 17.73
N ASP C 74 -25.33 8.61 16.71
CA ASP C 74 -24.98 8.05 15.41
C ASP C 74 -23.67 7.27 15.47
N PHE C 75 -22.65 7.79 16.16
CA PHE C 75 -21.46 6.96 16.37
C PHE C 75 -21.83 5.64 17.06
N ASN C 76 -22.64 5.73 18.10
CA ASN C 76 -22.99 4.53 18.86
C ASN C 76 -23.68 3.51 17.97
N THR C 77 -24.62 3.95 17.15
CA THR C 77 -25.33 3.05 16.25
C THR C 77 -24.38 2.38 15.28
N MET C 78 -23.44 3.15 14.72
CA MET C 78 -22.44 2.57 13.82
C MET C 78 -21.68 1.44 14.50
N PHE C 79 -21.17 1.69 15.70
CA PHE C 79 -20.42 0.65 16.39
C PHE C 79 -21.33 -0.53 16.73
N THR C 80 -22.49 -0.24 17.32
CA THR C 80 -23.39 -1.31 17.73
C THR C 80 -23.80 -2.20 16.54
N ASN C 81 -24.05 -1.60 15.38
CA ASN C 81 -24.41 -2.40 14.21
C ASN C 81 -23.32 -3.39 13.90
N CYS C 82 -22.05 -2.96 13.99
CA CYS C 82 -20.93 -3.84 13.70
C CYS C 82 -20.86 -4.98 14.71
N TYR C 83 -21.03 -4.68 15.99
CA TYR C 83 -20.99 -5.74 17.00
C TYR C 83 -22.13 -6.74 16.82
N ILE C 84 -23.31 -6.24 16.45
CA ILE C 84 -24.49 -7.10 16.36
C ILE C 84 -24.39 -7.99 15.14
N TYR C 85 -23.94 -7.44 14.01
CA TYR C 85 -24.01 -8.17 12.76
C TYR C 85 -22.88 -9.18 12.62
N ASN C 86 -21.68 -8.76 12.97
CA ASN C 86 -20.49 -9.54 12.69
C ASN C 86 -20.24 -10.59 13.77
N LYS C 87 -19.48 -11.57 13.41
CA LYS C 87 -19.15 -12.62 14.37
C LYS C 87 -18.05 -12.13 15.33
N PRO C 88 -18.04 -12.65 16.57
CA PRO C 88 -17.12 -12.09 17.57
C PRO C 88 -15.67 -12.09 17.15
N THR C 89 -15.26 -13.04 16.31
CA THR C 89 -13.87 -13.15 15.91
C THR C 89 -13.51 -12.33 14.67
N ASP C 90 -14.50 -11.84 13.92
CA ASP C 90 -14.22 -10.97 12.78
C ASP C 90 -13.29 -9.84 13.22
N ASP C 91 -12.36 -9.49 12.33
CA ASP C 91 -11.39 -8.45 12.67
C ASP C 91 -12.05 -7.10 12.86
N ILE C 92 -13.08 -6.81 12.06
CA ILE C 92 -13.75 -5.51 12.15
C ILE C 92 -14.25 -5.26 13.57
N VAL C 93 -14.58 -6.31 14.32
CA VAL C 93 -15.09 -6.15 15.68
C VAL C 93 -14.03 -5.56 16.57
N LEU C 94 -12.80 -6.04 16.45
CA LEU C 94 -11.71 -5.47 17.20
C LEU C 94 -11.46 -4.03 16.79
N MET C 95 -11.55 -3.74 15.48
CA MET C 95 -11.34 -2.38 15.02
C MET C 95 -12.37 -1.42 15.60
N ALA C 96 -13.64 -1.82 15.60
CA ALA C 96 -14.70 -0.99 16.17
C ALA C 96 -14.46 -0.77 17.65
N GLN C 97 -14.00 -1.79 18.37
CA GLN C 97 -13.74 -1.62 19.81
C GLN C 97 -12.67 -0.57 20.05
N THR C 98 -11.61 -0.59 19.22
CA THR C 98 -10.53 0.39 19.39
C THR C 98 -11.01 1.80 19.12
N LEU C 99 -11.79 1.98 18.05
CA LEU C 99 -12.30 3.30 17.71
C LEU C 99 -13.31 3.79 18.73
N GLU C 100 -14.19 2.88 19.18
CA GLU C 100 -15.19 3.30 20.16
C GLU C 100 -14.54 3.77 21.47
N LYS C 101 -13.46 3.12 21.89
CA LYS C 101 -12.79 3.55 23.13
C LYS C 101 -12.21 4.95 22.98
N ILE C 102 -11.62 5.22 21.81
CA ILE C 102 -11.13 6.58 21.54
C ILE C 102 -12.29 7.58 21.54
N PHE C 103 -13.39 7.24 20.88
CA PHE C 103 -14.59 8.05 20.87
C PHE C 103 -15.00 8.43 22.28
N LEU C 104 -15.17 7.44 23.14
CA LEU C 104 -15.66 7.72 24.48
C LEU C 104 -14.65 8.52 25.30
N GLN C 105 -13.37 8.19 25.17
CA GLN C 105 -12.35 9.00 25.84
C GLN C 105 -12.46 10.48 25.43
N LYS C 106 -12.60 10.73 24.13
CA LYS C 106 -12.67 12.13 23.70
C LYS C 106 -13.98 12.77 24.12
N VAL C 107 -15.08 12.01 24.09
CA VAL C 107 -16.35 12.55 24.57
C VAL C 107 -16.25 12.99 26.03
N ALA C 108 -15.47 12.27 26.84
CA ALA C 108 -15.37 12.63 28.25
C ALA C 108 -14.84 14.04 28.44
N SER C 109 -14.02 14.52 27.50
CA SER C 109 -13.43 15.84 27.60
C SER C 109 -14.18 16.88 26.78
N MET C 110 -15.39 16.56 26.33
CA MET C 110 -16.18 17.49 25.57
C MET C 110 -16.47 18.73 26.41
N PRO C 111 -16.55 19.91 25.78
CA PRO C 111 -17.04 21.06 26.56
C PRO C 111 -18.55 20.98 26.78
N SER D 1 17.38 -1.77 -23.68
CA SER D 1 17.13 -0.49 -22.98
C SER D 1 16.23 0.38 -23.86
N GLY D 2 15.10 0.82 -23.29
CA GLY D 2 14.03 1.39 -24.09
C GLY D 2 14.26 2.86 -24.41
N ARG D 3 13.60 3.29 -25.50
CA ARG D 3 13.64 4.70 -25.84
C ARG D 3 13.18 5.57 -24.67
N GLY D 4 12.18 5.11 -23.93
CA GLY D 4 11.65 5.86 -22.81
C GLY D 4 10.68 6.94 -23.17
N GLY D 6 10.50 10.09 -21.89
CA GLY D 6 10.93 11.48 -21.63
C GLY D 6 10.76 11.86 -20.14
N SER E 1 19.93 2.48 -17.59
CA SER E 1 20.68 2.86 -18.84
C SER E 1 22.20 2.79 -18.62
N GLY E 2 22.61 2.32 -17.45
CA GLY E 2 24.02 2.12 -17.17
C GLY E 2 24.59 0.97 -17.96
N ARG E 3 25.87 0.72 -17.73
CA ARG E 3 26.53 -0.39 -18.39
C ARG E 3 25.90 -1.73 -17.99
N GLY E 4 25.47 -1.85 -16.74
CA GLY E 4 24.84 -3.08 -16.27
C GLY E 4 25.80 -4.21 -15.98
N GLY E 6 25.56 -7.45 -16.83
CA GLY E 6 25.57 -8.60 -17.77
C GLY E 6 24.44 -9.60 -17.53
#